data_8HZJ
#
_entry.id   8HZJ
#
_cell.length_a   89.316
_cell.length_b   48.173
_cell.length_c   58.304
_cell.angle_alpha   90.00
_cell.angle_beta   116.03
_cell.angle_gamma   90.00
#
_symmetry.space_group_name_H-M   'C 1 2 1'
#
loop_
_entity.id
_entity.type
_entity.pdbx_description
1 polymer 'RNA (36-MER)'
2 non-polymer "GUANOSINE-5'-TRIPHOSPHATE"
3 non-polymer 'MAGNESIUM ION'
4 non-polymer 'POTASSIUM ION'
5 non-polymer (5~{Z})-5-[[3,5-bis(fluoranyl)-4-oxidanyl-phenyl]methylidene]-3-methyl-2-[(~{E})-2-phenylethenyl]imidazol-4-one
6 water water
#
_entity_poly.entity_id   1
_entity_poly.type   'polyribonucleotide'
_entity_poly.pdbx_seq_one_letter_code
;GAAGAUUGUAAACAUGCCGAAAGGCAGACACUUCC
;
_entity_poly.pdbx_strand_id   A,B
#